data_8OSE
#
_entry.id   8OSE
#
_cell.length_a   50.329
_cell.length_b   108.802
_cell.length_c   111.080
_cell.angle_alpha   90.000
_cell.angle_beta   90.000
_cell.angle_gamma   90.000
#
_symmetry.space_group_name_H-M   'P 21 21 21'
#
loop_
_entity.id
_entity.type
_entity.pdbx_description
1 polymer Chitodextrinase
2 non-polymer "1,1'-PROPANE-1,3-DIYLBIS(3,7-DIMETHYL-3,7-DIHYDRO-1H-PURINE-2,6-DIONE)"
3 non-polymer 'DIMETHYL SULFOXIDE'
4 non-polymer 1,2-ETHANEDIOL
5 water water
#
_entity_poly.entity_id   1
_entity_poly.type   'polypeptide(L)'
_entity_poly.pdbx_seq_one_letter_code
;MGSSELNRKLVGYFPEWAYSSEAQGYFNVTDLQWDSLTHIQYSFAMVDPSTNKITLSNKHAAIEEDFSEFDLNYNGKKIE
LDPSLPYKGHFNVLQTMKKNYPDVSLLISVGGWTGTRCFYTMIDTDNRINTFADSCVDFIRKYGFDGVDIDFEYPSSTSQ
SGNPDDFDLSEPRRTKLNERYNILIKTLREKIDMASKEDGKEYLLTAAVTASPWVLGGISDNTYAKYLDFLSIMSYDYHG
GWNEYVEHLAGIYPNKEDRETVTQIMPTLCMDWAYRYYRGVLPAEKILMGIPYYTRGWENVQGGINGLHGSSKTPASGKY
NILGDDLNNDGVLEPAGANPLWHVLNLMEQDPNLKVYWDEISKVPYVWQNDKKVFVSFENEKSIDARLEYIQNKNLGGAL
IWVMNGDYGLNPNYVEGSNKINEGKYTFGDTLTKRLSQGLKKMGVCNKTPDDLNISLEPINVDVKFNGKYDHPNYTYSID
ITNYTDKEIKGGWNVSFDLPKSAVFKSSWGGTYSVTDNGDFNTITLTSGAWQNIAPNSTITVQGMIGLCFSGIRNVTFNG
MNPIGNDKSHHHHHH
;
_entity_poly.pdbx_strand_id   A
#
loop_
_chem_comp.id
_chem_comp.type
_chem_comp.name
_chem_comp.formula
DMS non-polymer 'DIMETHYL SULFOXIDE' 'C2 H6 O S'
DW0 non-polymer 1,1'-PROPANE-1,3-DIYLBIS(3,7-DIMETHYL-3,7-DIHYDRO-1H-PURINE-2,6-DIONE) 'C17 H20 N8 O4'
EDO non-polymer 1,2-ETHANEDIOL 'C2 H6 O2'
#
# COMPACT_ATOMS: atom_id res chain seq x y z
N SER A 4 -21.87 -4.85 -5.01
CA SER A 4 -21.18 -3.57 -4.88
C SER A 4 -19.74 -3.69 -4.36
N GLU A 5 -19.51 -4.66 -3.47
CA GLU A 5 -18.16 -4.86 -2.95
C GLU A 5 -17.19 -5.30 -4.04
N LEU A 6 -17.67 -5.89 -5.15
CA LEU A 6 -16.81 -6.37 -6.24
C LEU A 6 -16.56 -5.31 -7.31
N ASN A 7 -17.09 -4.13 -7.13
CA ASN A 7 -16.82 -3.06 -8.08
C ASN A 7 -15.34 -2.70 -8.04
N ARG A 8 -14.81 -2.34 -9.19
CA ARG A 8 -13.44 -1.83 -9.24
C ARG A 8 -13.36 -0.50 -8.49
N LYS A 9 -12.25 -0.27 -7.83
CA LYS A 9 -11.99 0.92 -7.02
C LYS A 9 -10.84 1.70 -7.65
N LEU A 10 -11.01 3.02 -7.69
CA LEU A 10 -9.95 3.94 -8.10
C LEU A 10 -9.89 5.02 -7.02
N VAL A 11 -8.92 4.86 -6.12
CA VAL A 11 -8.81 5.63 -4.91
C VAL A 11 -7.67 6.62 -5.06
N GLY A 12 -7.90 7.88 -4.74
CA GLY A 12 -6.87 8.90 -4.87
C GLY A 12 -6.61 9.66 -3.59
N TYR A 13 -5.33 9.87 -3.30
CA TYR A 13 -4.94 10.70 -2.17
C TYR A 13 -5.06 12.18 -2.50
N PHE A 14 -5.72 12.93 -1.60
CA PHE A 14 -5.82 14.38 -1.69
C PHE A 14 -4.85 15.03 -0.70
N PRO A 15 -3.90 15.84 -1.15
CA PRO A 15 -2.93 16.45 -0.25
C PRO A 15 -3.45 17.75 0.33
N GLU A 16 -3.67 17.82 1.63
CA GLU A 16 -4.24 19.04 2.19
C GLU A 16 -3.31 20.22 2.10
N TRP A 17 -2.00 20.01 1.96
CA TRP A 17 -1.00 21.06 1.93
C TRP A 17 -0.80 21.68 0.55
N ALA A 18 -1.40 21.12 -0.50
CA ALA A 18 -1.03 21.52 -1.85
C ALA A 18 -1.57 22.88 -2.24
N TYR A 19 -2.68 23.32 -1.64
CA TYR A 19 -3.40 24.44 -2.21
C TYR A 19 -2.66 25.76 -2.07
N SER A 20 -1.69 25.83 -1.16
CA SER A 20 -0.96 27.05 -0.88
C SER A 20 0.48 26.96 -1.34
N SER A 21 0.86 25.88 -2.04
CA SER A 21 2.24 25.62 -2.38
C SER A 21 2.49 25.72 -3.87
N GLU A 22 3.50 26.51 -4.25
CA GLU A 22 3.85 26.67 -5.66
C GLU A 22 4.23 25.33 -6.29
N ALA A 23 5.09 24.58 -5.64
CA ALA A 23 5.57 23.33 -6.23
C ALA A 23 4.46 22.29 -6.39
N GLN A 24 3.40 22.39 -5.60
CA GLN A 24 2.26 21.50 -5.65
C GLN A 24 1.18 22.01 -6.61
N GLY A 25 1.42 23.14 -7.27
CA GLY A 25 0.49 23.67 -8.24
C GLY A 25 -0.73 24.36 -7.65
N TYR A 26 -0.76 24.62 -6.35
CA TYR A 26 -1.94 25.23 -5.72
C TYR A 26 -3.20 24.39 -5.93
N PHE A 27 -3.04 23.07 -5.88
CA PHE A 27 -4.13 22.13 -6.12
C PHE A 27 -5.10 22.12 -4.96
N ASN A 28 -6.40 22.26 -5.25
CA ASN A 28 -7.42 22.22 -4.21
C ASN A 28 -8.51 21.20 -4.56
N VAL A 29 -9.54 21.14 -3.71
CA VAL A 29 -10.55 20.08 -3.84
C VAL A 29 -11.28 20.15 -5.18
N THR A 30 -11.47 21.34 -5.73
CA THR A 30 -12.15 21.46 -7.01
C THR A 30 -11.30 21.00 -8.19
N ASP A 31 -10.01 20.71 -7.97
CA ASP A 31 -9.10 20.15 -8.97
C ASP A 31 -9.06 18.63 -8.93
N LEU A 32 -9.72 18.01 -7.95
CA LEU A 32 -9.81 16.55 -7.92
C LEU A 32 -10.58 16.03 -9.14
N GLN A 33 -10.26 14.78 -9.48
CA GLN A 33 -10.76 14.11 -10.66
C GLN A 33 -12.07 13.38 -10.28
N TRP A 34 -13.08 14.20 -9.98
CA TRP A 34 -14.33 13.72 -9.38
C TRP A 34 -15.08 12.78 -10.30
N ASP A 35 -14.95 12.95 -11.62
CA ASP A 35 -15.65 12.08 -12.56
C ASP A 35 -14.96 10.74 -12.76
N SER A 36 -13.75 10.56 -12.22
CA SER A 36 -12.99 9.33 -12.45
C SER A 36 -12.72 8.54 -11.18
N LEU A 37 -12.49 9.22 -10.06
CA LEU A 37 -12.20 8.52 -8.81
C LEU A 37 -13.48 7.91 -8.27
N THR A 38 -13.35 6.75 -7.65
CA THR A 38 -14.44 6.20 -6.86
C THR A 38 -14.35 6.55 -5.37
N HIS A 39 -13.14 6.82 -4.89
CA HIS A 39 -12.90 7.12 -3.50
C HIS A 39 -11.79 8.17 -3.42
N ILE A 40 -11.90 9.07 -2.44
CA ILE A 40 -10.88 10.07 -2.14
C ILE A 40 -10.41 9.83 -0.73
N GLN A 41 -9.09 9.77 -0.55
CA GLN A 41 -8.47 9.66 0.78
C GLN A 41 -7.87 11.02 1.14
N TYR A 42 -8.43 11.66 2.15
CA TYR A 42 -7.95 12.97 2.61
C TYR A 42 -6.71 12.78 3.47
N SER A 43 -5.61 13.41 3.07
CA SER A 43 -4.34 13.32 3.79
C SER A 43 -4.04 14.64 4.47
N PHE A 44 -3.88 14.65 5.80
CA PHE A 44 -3.95 13.55 6.73
C PHE A 44 -4.57 14.04 8.02
N ALA A 45 -5.14 13.11 8.75
CA ALA A 45 -5.34 13.25 10.18
C ALA A 45 -4.22 12.49 10.89
N MET A 46 -4.12 12.72 12.19
CA MET A 46 -3.08 12.14 13.04
CA MET A 46 -3.12 12.04 13.01
C MET A 46 -3.75 11.74 14.35
N VAL A 47 -2.96 11.28 15.30
CA VAL A 47 -3.40 10.98 16.67
C VAL A 47 -2.88 12.09 17.57
N ASP A 48 -3.73 12.58 18.44
CA ASP A 48 -3.30 13.62 19.36
C ASP A 48 -2.40 13.06 20.46
N PRO A 49 -1.26 13.71 20.78
CA PRO A 49 -0.32 13.16 21.78
C PRO A 49 -0.87 13.11 23.20
N SER A 50 -1.85 13.96 23.54
CA SER A 50 -2.35 14.09 24.90
C SER A 50 -3.70 13.46 25.10
N THR A 51 -4.55 13.43 24.07
CA THR A 51 -5.88 12.87 24.23
C THR A 51 -6.06 11.52 23.56
N ASN A 52 -5.13 11.10 22.71
CA ASN A 52 -5.23 9.84 21.95
C ASN A 52 -6.41 9.81 21.00
N LYS A 53 -6.99 10.94 20.67
CA LYS A 53 -8.07 11.02 19.70
C LYS A 53 -7.56 11.45 18.32
N ILE A 54 -8.32 11.08 17.30
CA ILE A 54 -8.02 11.59 15.97
C ILE A 54 -8.01 13.10 15.98
N THR A 55 -7.09 13.69 15.21
CA THR A 55 -6.95 15.13 15.18
C THR A 55 -6.52 15.56 13.80
N LEU A 56 -6.85 16.78 13.44
CA LEU A 56 -6.43 17.33 12.16
C LEU A 56 -4.96 17.72 12.18
N SER A 57 -4.31 17.56 11.04
CA SER A 57 -2.91 17.97 10.92
C SER A 57 -2.83 19.46 10.63
N ASN A 58 -3.53 19.92 9.62
CA ASN A 58 -3.62 21.32 9.30
C ASN A 58 -5.09 21.70 9.47
N LYS A 59 -5.45 22.08 10.70
CA LYS A 59 -6.82 22.45 11.01
C LYS A 59 -7.30 23.60 10.13
N HIS A 60 -6.44 24.59 9.88
CA HIS A 60 -6.87 25.73 9.08
C HIS A 60 -7.26 25.28 7.68
N ALA A 61 -6.42 24.45 7.04
CA ALA A 61 -6.75 24.01 5.70
C ALA A 61 -8.01 23.17 5.70
N ALA A 62 -8.16 22.29 6.69
CA ALA A 62 -9.25 21.34 6.65
C ALA A 62 -10.61 21.97 6.88
N ILE A 63 -10.71 22.93 7.82
CA ILE A 63 -12.01 23.38 8.28
C ILE A 63 -12.15 24.89 8.41
N GLU A 64 -11.12 25.70 8.11
CA GLU A 64 -11.22 27.14 8.31
C GLU A 64 -11.04 27.98 7.04
N GLU A 65 -10.18 27.54 6.13
CA GLU A 65 -9.83 28.33 4.96
C GLU A 65 -11.06 28.67 4.12
N ASP A 66 -11.18 29.94 3.76
CA ASP A 66 -12.29 30.38 2.92
C ASP A 66 -11.94 30.45 1.43
N PHE A 67 -10.67 30.24 1.06
CA PHE A 67 -10.23 30.23 -0.34
C PHE A 67 -10.48 31.54 -1.07
N SER A 68 -10.54 32.65 -0.35
CA SER A 68 -10.77 33.92 -1.01
C SER A 68 -9.62 34.29 -1.94
N GLU A 69 -8.41 33.83 -1.64
CA GLU A 69 -7.23 34.11 -2.47
C GLU A 69 -6.98 33.03 -3.50
N PHE A 70 -7.87 32.04 -3.61
CA PHE A 70 -7.72 30.91 -4.52
C PHE A 70 -8.95 30.80 -5.40
N ASP A 71 -8.84 29.96 -6.43
CA ASP A 71 -9.88 29.80 -7.44
C ASP A 71 -10.56 28.46 -7.21
N LEU A 72 -11.82 28.51 -6.76
CA LEU A 72 -12.65 27.31 -6.63
C LEU A 72 -13.59 27.27 -7.83
N ASN A 73 -13.34 26.35 -8.74
CA ASN A 73 -14.23 26.16 -9.87
C ASN A 73 -14.03 24.77 -10.41
N TYR A 74 -15.11 24.16 -10.87
CA TYR A 74 -15.09 22.81 -11.39
C TYR A 74 -15.72 22.83 -12.78
N ASN A 75 -15.05 22.22 -13.75
CA ASN A 75 -15.37 22.40 -15.16
C ASN A 75 -15.28 23.89 -15.51
N GLY A 76 -16.41 24.57 -15.53
CA GLY A 76 -16.41 26.01 -15.75
C GLY A 76 -17.16 26.76 -14.68
N LYS A 77 -17.98 26.05 -13.91
CA LYS A 77 -18.84 26.67 -12.92
C LYS A 77 -18.03 27.06 -11.69
N LYS A 78 -18.23 28.28 -11.22
CA LYS A 78 -17.66 28.67 -9.94
C LYS A 78 -18.26 27.80 -8.84
N ILE A 79 -17.43 27.41 -7.88
CA ILE A 79 -17.87 26.66 -6.72
C ILE A 79 -17.77 27.60 -5.53
N GLU A 80 -18.85 27.71 -4.77
CA GLU A 80 -18.87 28.49 -3.55
C GLU A 80 -18.87 27.52 -2.38
N LEU A 81 -18.28 27.92 -1.26
CA LEU A 81 -18.48 27.17 -0.03
C LEU A 81 -19.96 27.14 0.33
N ASP A 82 -20.41 26.02 0.84
CA ASP A 82 -21.78 25.92 1.34
C ASP A 82 -21.88 26.68 2.65
N PRO A 83 -22.62 27.79 2.72
CA PRO A 83 -22.67 28.56 3.97
C PRO A 83 -23.54 27.91 5.04
N SER A 84 -24.25 26.83 4.74
CA SER A 84 -25.08 26.18 5.76
C SER A 84 -24.31 25.16 6.58
N LEU A 85 -23.08 24.89 6.24
CA LEU A 85 -22.25 23.96 7.01
C LEU A 85 -21.50 24.72 8.10
N PRO A 86 -21.24 24.06 9.24
CA PRO A 86 -20.57 24.73 10.36
C PRO A 86 -19.05 24.75 10.30
N TYR A 87 -18.49 24.51 9.13
CA TYR A 87 -17.05 24.53 8.92
C TYR A 87 -16.84 25.01 7.50
N LYS A 88 -15.62 25.50 7.23
CA LYS A 88 -15.21 25.89 5.88
C LYS A 88 -14.13 24.91 5.45
N GLY A 89 -13.05 25.40 4.84
CA GLY A 89 -11.92 24.53 4.52
C GLY A 89 -12.20 23.52 3.43
N HIS A 90 -11.19 22.67 3.22
CA HIS A 90 -11.32 21.61 2.25
C HIS A 90 -12.54 20.76 2.54
N PHE A 91 -12.85 20.56 3.83
CA PHE A 91 -13.95 19.67 4.18
C PHE A 91 -15.30 20.21 3.69
N ASN A 92 -15.49 21.54 3.71
CA ASN A 92 -16.70 22.14 3.13
C ASN A 92 -16.75 21.89 1.63
N VAL A 93 -15.61 22.10 0.93
CA VAL A 93 -15.60 21.90 -0.52
C VAL A 93 -15.89 20.44 -0.84
N LEU A 94 -15.31 19.49 -0.07
CA LEU A 94 -15.59 18.08 -0.30
C LEU A 94 -17.09 17.80 -0.22
N GLN A 95 -17.75 18.29 0.81
CA GLN A 95 -19.19 18.03 0.94
C GLN A 95 -19.98 18.69 -0.17
N THR A 96 -19.57 19.88 -0.59
CA THR A 96 -20.26 20.57 -1.66
C THR A 96 -20.14 19.79 -2.96
N MET A 97 -18.93 19.29 -3.26
CA MET A 97 -18.75 18.50 -4.47
C MET A 97 -19.50 17.19 -4.38
N LYS A 98 -19.55 16.56 -3.20
CA LYS A 98 -20.18 15.26 -3.09
C LYS A 98 -21.67 15.33 -3.42
N LYS A 99 -22.29 16.50 -3.22
CA LYS A 99 -23.68 16.64 -3.62
C LYS A 99 -23.87 16.37 -5.10
N ASN A 100 -22.90 16.73 -5.92
CA ASN A 100 -22.97 16.42 -7.34
C ASN A 100 -22.35 15.08 -7.69
N TYR A 101 -21.59 14.48 -6.77
CA TYR A 101 -20.94 13.19 -6.96
C TYR A 101 -21.23 12.29 -5.76
N PRO A 102 -22.50 11.94 -5.55
CA PRO A 102 -22.86 11.29 -4.28
C PRO A 102 -22.28 9.91 -4.12
N ASP A 103 -21.86 9.27 -5.21
CA ASP A 103 -21.31 7.93 -5.16
C ASP A 103 -19.79 7.89 -5.01
N VAL A 104 -19.13 9.03 -4.93
CA VAL A 104 -17.71 9.07 -4.58
C VAL A 104 -17.58 8.99 -3.06
N SER A 105 -16.84 7.99 -2.57
CA SER A 105 -16.67 7.80 -1.12
C SER A 105 -15.51 8.63 -0.60
N LEU A 106 -15.69 9.25 0.57
CA LEU A 106 -14.66 10.06 1.22
C LEU A 106 -14.11 9.31 2.42
N LEU A 107 -12.79 9.12 2.45
N LEU A 107 -12.78 9.16 2.45
CA LEU A 107 -12.16 8.48 3.60
CA LEU A 107 -12.11 8.49 3.55
C LEU A 107 -11.12 9.42 4.19
C LEU A 107 -11.11 9.45 4.19
N ILE A 108 -10.99 9.40 5.51
CA ILE A 108 -9.96 10.15 6.22
C ILE A 108 -8.76 9.21 6.42
N SER A 109 -7.62 9.59 5.86
N SER A 109 -7.60 9.61 5.88
CA SER A 109 -6.39 8.84 6.09
CA SER A 109 -6.37 8.85 6.07
C SER A 109 -5.69 9.35 7.34
C SER A 109 -5.64 9.35 7.32
N VAL A 110 -5.37 8.43 8.25
CA VAL A 110 -4.77 8.75 9.54
C VAL A 110 -3.38 8.15 9.55
N GLY A 111 -2.38 8.99 9.76
CA GLY A 111 -1.01 8.55 9.82
C GLY A 111 -0.14 9.15 8.74
N GLY A 112 0.48 8.29 7.93
CA GLY A 112 1.48 8.70 6.98
C GLY A 112 2.87 8.72 7.59
N TRP A 113 3.85 9.01 6.75
CA TRP A 113 5.24 8.95 7.19
C TRP A 113 5.51 9.88 8.36
N THR A 114 4.92 11.07 8.35
CA THR A 114 5.17 12.03 9.43
C THR A 114 4.02 12.13 10.42
N GLY A 115 2.99 11.31 10.28
CA GLY A 115 1.86 11.32 11.17
C GLY A 115 1.62 10.05 11.95
N THR A 116 2.60 9.16 11.96
CA THR A 116 2.49 7.91 12.69
C THR A 116 2.91 8.02 14.16
N ARG A 117 3.63 9.09 14.53
CA ARG A 117 4.27 9.16 15.85
C ARG A 117 3.33 8.77 17.00
N CYS A 118 2.17 9.39 17.09
CA CYS A 118 1.37 9.17 18.30
C CYS A 118 0.54 7.91 18.22
N PHE A 119 0.57 7.19 17.09
CA PHE A 119 0.01 5.85 17.13
C PHE A 119 0.75 4.99 18.14
N TYR A 120 2.05 5.22 18.33
CA TYR A 120 2.85 4.29 19.12
C TYR A 120 2.39 4.28 20.58
N THR A 121 2.04 5.45 21.14
CA THR A 121 1.56 5.51 22.51
C THR A 121 0.07 5.19 22.61
N MET A 122 -0.71 5.55 21.59
CA MET A 122 -2.13 5.27 21.63
C MET A 122 -2.42 3.78 21.67
N ILE A 123 -1.60 2.95 21.01
N ILE A 123 -1.59 2.97 20.99
CA ILE A 123 -1.89 1.52 20.98
CA ILE A 123 -1.85 1.54 20.95
C ILE A 123 -1.37 0.81 22.21
C ILE A 123 -1.44 0.83 22.23
N ASP A 124 -0.80 1.54 23.18
CA ASP A 124 -0.24 0.91 24.36
C ASP A 124 -1.30 0.25 25.24
N THR A 125 -2.53 0.77 25.27
CA THR A 125 -3.55 0.20 26.16
C THR A 125 -4.87 0.06 25.41
N ASP A 126 -5.68 -0.86 25.89
CA ASP A 126 -6.96 -1.11 25.24
C ASP A 126 -7.89 0.09 25.39
N ASN A 127 -7.89 0.73 26.56
CA ASN A 127 -8.75 1.89 26.73
C ASN A 127 -8.36 3.04 25.81
N ARG A 128 -7.06 3.24 25.53
CA ARG A 128 -6.67 4.27 24.58
C ARG A 128 -7.09 3.92 23.16
N ILE A 129 -6.98 2.64 22.78
CA ILE A 129 -7.46 2.21 21.47
C ILE A 129 -8.96 2.44 21.37
N ASN A 130 -9.71 2.10 22.42
CA ASN A 130 -11.15 2.33 22.42
C ASN A 130 -11.47 3.82 22.27
N THR A 131 -10.79 4.69 23.01
CA THR A 131 -10.98 6.14 22.86
C THR A 131 -10.69 6.61 21.45
N PHE A 132 -9.59 6.14 20.87
CA PHE A 132 -9.25 6.53 19.51
C PHE A 132 -10.32 6.06 18.53
N ALA A 133 -10.73 4.79 18.63
CA ALA A 133 -11.73 4.28 17.69
C ALA A 133 -13.05 5.03 17.79
N ASP A 134 -13.51 5.30 19.03
CA ASP A 134 -14.70 6.11 19.22
C ASP A 134 -14.53 7.48 18.60
N SER A 135 -13.34 8.08 18.72
CA SER A 135 -13.17 9.40 18.16
C SER A 135 -13.20 9.39 16.64
N CYS A 136 -12.78 8.30 16.01
CA CYS A 136 -12.88 8.18 14.55
C CYS A 136 -14.33 8.15 14.10
N VAL A 137 -15.17 7.42 14.83
CA VAL A 137 -16.61 7.42 14.56
C VAL A 137 -17.18 8.83 14.69
N ASP A 138 -16.84 9.53 15.78
CA ASP A 138 -17.35 10.89 15.98
C ASP A 138 -16.92 11.79 14.82
N PHE A 139 -15.68 11.62 14.38
CA PHE A 139 -15.12 12.48 13.33
C PHE A 139 -15.80 12.27 11.99
N ILE A 140 -15.98 11.01 11.59
CA ILE A 140 -16.58 10.77 10.28
C ILE A 140 -18.04 11.24 10.27
N ARG A 141 -18.75 11.10 11.39
CA ARG A 141 -20.10 11.67 11.50
C ARG A 141 -20.08 13.19 11.40
N LYS A 142 -19.18 13.83 12.12
CA LYS A 142 -19.17 15.29 12.18
C LYS A 142 -18.86 15.90 10.82
N TYR A 143 -17.92 15.32 10.08
CA TYR A 143 -17.42 15.92 8.86
C TYR A 143 -17.88 15.21 7.60
N GLY A 144 -18.83 14.30 7.70
CA GLY A 144 -19.45 13.73 6.52
C GLY A 144 -18.54 12.81 5.73
N PHE A 145 -17.69 12.04 6.41
CA PHE A 145 -16.83 11.07 5.76
C PHE A 145 -17.53 9.71 5.74
N ASP A 146 -17.09 8.89 4.80
CA ASP A 146 -17.62 7.56 4.59
C ASP A 146 -16.76 6.46 5.21
N GLY A 147 -15.60 6.79 5.75
CA GLY A 147 -14.77 5.76 6.33
C GLY A 147 -13.43 6.29 6.75
N VAL A 148 -12.62 5.35 7.24
CA VAL A 148 -11.32 5.62 7.85
C VAL A 148 -10.29 4.76 7.14
N ASP A 149 -9.18 5.37 6.77
CA ASP A 149 -8.03 4.66 6.20
C ASP A 149 -6.85 4.80 7.15
N ILE A 150 -6.32 3.69 7.62
CA ILE A 150 -5.21 3.71 8.56
C ILE A 150 -3.90 3.52 7.82
N ASP A 151 -3.00 4.49 7.93
CA ASP A 151 -1.72 4.53 7.26
C ASP A 151 -0.57 4.57 8.26
N PHE A 152 -0.46 3.49 9.06
CA PHE A 152 0.52 3.38 10.13
C PHE A 152 1.83 2.94 9.51
N GLU A 153 2.87 3.77 9.59
CA GLU A 153 4.16 3.46 8.97
C GLU A 153 5.25 3.35 10.04
N TYR A 154 5.45 2.15 10.61
CA TYR A 154 4.87 0.86 10.26
C TYR A 154 4.74 0.01 11.54
N PRO A 155 3.73 -0.84 11.60
CA PRO A 155 3.50 -1.69 12.80
C PRO A 155 4.33 -2.97 12.75
N SER A 156 5.63 -2.79 12.65
CA SER A 156 6.57 -3.87 12.41
C SER A 156 7.62 -3.96 13.51
N SER A 157 8.08 -5.18 13.78
CA SER A 157 9.19 -5.36 14.71
C SER A 157 10.54 -5.08 14.07
N THR A 158 10.61 -4.81 12.77
CA THR A 158 11.89 -4.59 12.12
C THR A 158 12.59 -3.39 12.73
N SER A 159 13.79 -3.60 13.25
CA SER A 159 14.51 -2.52 13.89
C SER A 159 14.79 -1.43 12.89
N GLN A 160 14.60 -0.19 13.32
CA GLN A 160 14.90 1.02 12.56
CA GLN A 160 14.94 0.98 12.53
C GLN A 160 14.01 1.18 11.32
N SER A 161 12.85 0.53 11.31
CA SER A 161 11.83 0.82 10.31
C SER A 161 10.95 2.00 10.76
N GLY A 162 10.21 2.56 9.82
CA GLY A 162 9.42 3.74 10.12
C GLY A 162 10.26 5.00 10.17
N ASN A 163 9.64 6.09 10.58
CA ASN A 163 10.31 7.37 10.54
C ASN A 163 11.38 7.44 11.65
N PRO A 164 12.63 7.76 11.33
CA PRO A 164 13.67 7.81 12.40
C PRO A 164 13.36 8.82 13.48
N ASP A 165 12.58 9.84 13.18
CA ASP A 165 12.22 10.80 14.23
C ASP A 165 11.40 10.15 15.34
N ASP A 166 10.84 8.96 15.08
CA ASP A 166 9.97 8.29 16.04
C ASP A 166 10.64 7.09 16.71
N PHE A 167 11.94 6.87 16.49
CA PHE A 167 12.62 5.72 17.09
C PHE A 167 12.50 5.70 18.62
N ASP A 168 12.45 6.88 19.25
CA ASP A 168 12.29 6.94 20.69
C ASP A 168 11.02 6.27 21.17
N LEU A 169 9.99 6.20 20.31
CA LEU A 169 8.76 5.49 20.62
C LEU A 169 8.67 4.10 19.99
N SER A 170 9.12 3.94 18.75
CA SER A 170 8.95 2.65 18.09
C SER A 170 9.95 1.60 18.56
N GLU A 171 11.20 1.99 18.80
CA GLU A 171 12.21 0.99 19.15
C GLU A 171 11.90 0.29 20.46
N PRO A 172 11.44 0.97 21.52
CA PRO A 172 11.08 0.24 22.75
C PRO A 172 9.89 -0.67 22.59
N ARG A 173 9.13 -0.53 21.52
CA ARG A 173 7.86 -1.23 21.35
C ARG A 173 7.88 -2.33 20.29
N ARG A 174 9.02 -2.59 19.68
CA ARG A 174 9.06 -3.47 18.51
C ARG A 174 8.40 -4.83 18.76
N THR A 175 8.61 -5.43 19.92
CA THR A 175 8.13 -6.80 20.10
C THR A 175 6.62 -6.90 20.10
N LYS A 176 5.91 -5.82 20.45
CA LYS A 176 4.45 -5.87 20.54
C LYS A 176 3.71 -5.10 19.47
N LEU A 177 4.41 -4.35 18.60
CA LEU A 177 3.69 -3.45 17.70
C LEU A 177 2.70 -4.19 16.83
N ASN A 178 3.08 -5.34 16.26
CA ASN A 178 2.17 -6.03 15.35
C ASN A 178 0.92 -6.51 16.09
N GLU A 179 1.09 -7.06 17.28
CA GLU A 179 -0.06 -7.53 18.06
C GLU A 179 -0.98 -6.37 18.40
N ARG A 180 -0.41 -5.24 18.83
CA ARG A 180 -1.25 -4.10 19.22
C ARG A 180 -1.95 -3.50 17.99
N TYR A 181 -1.26 -3.47 16.84
CA TYR A 181 -1.90 -3.00 15.61
C TYR A 181 -3.07 -3.89 15.23
N ASN A 182 -2.92 -5.21 15.39
CA ASN A 182 -4.04 -6.09 15.09
C ASN A 182 -5.25 -5.77 15.96
N ILE A 183 -5.03 -5.49 17.24
CA ILE A 183 -6.13 -5.10 18.14
C ILE A 183 -6.73 -3.76 17.70
N LEU A 184 -5.90 -2.80 17.30
CA LEU A 184 -6.38 -1.52 16.82
C LEU A 184 -7.33 -1.69 15.65
N ILE A 185 -6.93 -2.47 14.63
CA ILE A 185 -7.77 -2.61 13.43
C ILE A 185 -9.06 -3.32 13.78
N LYS A 186 -8.99 -4.39 14.56
CA LYS A 186 -10.18 -5.11 14.95
C LYS A 186 -11.14 -4.21 15.71
N THR A 187 -10.62 -3.41 16.64
CA THR A 187 -11.48 -2.54 17.43
C THR A 187 -12.12 -1.46 16.55
N LEU A 188 -11.34 -0.88 15.63
CA LEU A 188 -11.92 0.07 14.68
C LEU A 188 -13.05 -0.56 13.90
N ARG A 189 -12.88 -1.79 13.41
CA ARG A 189 -13.95 -2.43 12.67
C ARG A 189 -15.19 -2.59 13.53
N GLU A 190 -15.00 -3.00 14.78
CA GLU A 190 -16.15 -3.21 15.65
C GLU A 190 -16.93 -1.90 15.84
N LYS A 191 -16.21 -0.81 16.15
CA LYS A 191 -16.88 0.45 16.41
C LYS A 191 -17.50 1.03 15.13
N ILE A 192 -16.82 0.90 14.00
CA ILE A 192 -17.34 1.44 12.75
C ILE A 192 -18.57 0.68 12.30
N ASP A 193 -18.59 -0.65 12.48
CA ASP A 193 -19.77 -1.41 12.08
C ASP A 193 -20.98 -1.05 12.93
N MET A 194 -20.78 -0.80 14.23
N MET A 194 -20.78 -0.84 14.22
CA MET A 194 -21.91 -0.41 15.04
CA MET A 194 -21.89 -0.40 15.05
C MET A 194 -22.42 0.98 14.68
C MET A 194 -22.42 0.95 14.59
N ALA A 195 -21.52 1.88 14.29
CA ALA A 195 -21.93 3.20 13.81
C ALA A 195 -22.70 3.08 12.50
N SER A 196 -22.27 2.20 11.62
CA SER A 196 -22.99 1.96 10.37
C SER A 196 -24.43 1.54 10.64
N LYS A 197 -24.61 0.61 11.57
CA LYS A 197 -25.95 0.15 11.93
C LYS A 197 -26.79 1.28 12.51
N GLU A 198 -26.21 2.06 13.43
CA GLU A 198 -26.92 3.17 14.06
C GLU A 198 -27.32 4.24 13.04
N ASP A 199 -26.49 4.48 12.03
CA ASP A 199 -26.67 5.60 11.12
C ASP A 199 -27.34 5.21 9.81
N GLY A 200 -27.47 3.93 9.52
CA GLY A 200 -28.05 3.50 8.27
C GLY A 200 -27.20 3.80 7.06
N LYS A 201 -25.87 3.75 7.23
CA LYS A 201 -24.90 4.11 6.20
C LYS A 201 -23.78 3.10 6.30
N GLU A 202 -23.17 2.70 5.18
CA GLU A 202 -22.13 1.67 5.17
C GLU A 202 -20.74 2.30 5.25
N TYR A 203 -20.19 2.38 6.44
CA TYR A 203 -18.88 2.99 6.61
C TYR A 203 -17.78 1.99 6.31
N LEU A 204 -16.64 2.51 5.83
CA LEU A 204 -15.51 1.70 5.43
C LEU A 204 -14.34 1.85 6.38
N LEU A 205 -13.52 0.80 6.40
CA LEU A 205 -12.24 0.78 7.09
C LEU A 205 -11.23 0.15 6.15
N THR A 206 -10.16 0.87 5.84
CA THR A 206 -9.17 0.44 4.88
C THR A 206 -7.78 0.72 5.46
N ALA A 207 -6.75 0.23 4.79
CA ALA A 207 -5.38 0.53 5.16
C ALA A 207 -4.50 0.57 3.93
N ALA A 208 -3.52 1.45 3.93
CA ALA A 208 -2.44 1.47 2.96
C ALA A 208 -1.22 0.86 3.65
N VAL A 209 -0.67 -0.20 3.05
CA VAL A 209 0.28 -1.06 3.73
C VAL A 209 1.58 -1.22 2.95
N THR A 210 2.63 -1.60 3.69
CA THR A 210 3.94 -1.74 3.10
C THR A 210 4.01 -2.86 2.06
N ALA A 211 4.89 -2.63 1.09
CA ALA A 211 5.29 -3.64 0.11
C ALA A 211 6.73 -4.08 0.33
N SER A 212 7.38 -3.62 1.40
CA SER A 212 8.80 -3.88 1.61
C SER A 212 9.02 -5.21 2.29
N PRO A 213 9.81 -6.12 1.68
CA PRO A 213 10.15 -7.35 2.43
C PRO A 213 10.89 -7.09 3.72
N TRP A 214 11.68 -6.03 3.78
CA TRP A 214 12.41 -5.71 5.02
C TRP A 214 11.43 -5.37 6.14
N VAL A 215 10.46 -4.51 5.85
CA VAL A 215 9.44 -4.19 6.86
C VAL A 215 8.60 -5.42 7.18
N LEU A 216 8.19 -6.15 6.14
CA LEU A 216 7.30 -7.31 6.32
C LEU A 216 7.94 -8.44 7.10
N GLY A 217 9.27 -8.56 7.08
CA GLY A 217 9.89 -9.59 7.89
C GLY A 217 9.58 -9.43 9.37
N GLY A 218 9.22 -8.23 9.80
CA GLY A 218 8.85 -7.96 11.18
C GLY A 218 7.37 -7.93 11.42
N ILE A 219 6.58 -8.41 10.49
CA ILE A 219 5.12 -8.49 10.62
C ILE A 219 4.82 -9.99 10.72
N SER A 220 4.36 -10.44 11.88
CA SER A 220 4.14 -11.86 12.12
C SER A 220 2.70 -12.28 11.99
N ASP A 221 1.76 -11.33 11.99
CA ASP A 221 0.32 -11.62 12.00
C ASP A 221 -0.37 -10.61 11.09
N ASN A 222 -0.92 -11.09 9.98
CA ASN A 222 -1.67 -10.25 9.05
C ASN A 222 -3.16 -10.49 9.14
N THR A 223 -3.64 -10.98 10.27
CA THR A 223 -5.08 -11.19 10.44
C THR A 223 -5.88 -9.91 10.26
N TYR A 224 -5.29 -8.77 10.58
CA TYR A 224 -5.99 -7.49 10.47
C TYR A 224 -6.59 -7.30 9.10
N ALA A 225 -5.98 -7.89 8.06
CA ALA A 225 -6.43 -7.65 6.70
C ALA A 225 -7.87 -8.08 6.51
N LYS A 226 -8.33 -9.11 7.24
N LYS A 226 -8.32 -9.08 7.24
CA LYS A 226 -9.68 -9.61 7.07
CA LYS A 226 -9.66 -9.62 7.08
C LYS A 226 -10.71 -8.59 7.50
C LYS A 226 -10.72 -8.75 7.74
N TYR A 227 -10.31 -7.63 8.34
CA TYR A 227 -11.23 -6.63 8.87
C TYR A 227 -11.31 -5.40 7.98
N LEU A 228 -10.62 -5.38 6.85
CA LEU A 228 -10.61 -4.24 5.95
C LEU A 228 -11.58 -4.44 4.80
N ASP A 229 -12.16 -3.33 4.32
CA ASP A 229 -12.91 -3.39 3.07
C ASP A 229 -11.99 -3.61 1.88
N PHE A 230 -10.81 -3.02 1.92
CA PHE A 230 -9.75 -3.27 0.95
C PHE A 230 -8.43 -2.91 1.60
N LEU A 231 -7.38 -3.49 1.06
CA LEU A 231 -6.00 -3.32 1.50
C LEU A 231 -5.25 -2.78 0.29
N SER A 232 -4.61 -1.63 0.45
CA SER A 232 -3.93 -0.96 -0.65
C SER A 232 -2.43 -1.16 -0.50
N ILE A 233 -1.81 -1.82 -1.46
CA ILE A 233 -0.37 -2.07 -1.38
C ILE A 233 0.36 -0.84 -1.88
N MET A 234 1.28 -0.30 -1.06
CA MET A 234 2.10 0.85 -1.46
C MET A 234 3.25 0.35 -2.32
N SER A 235 2.90 -0.02 -3.56
CA SER A 235 3.83 -0.60 -4.53
C SER A 235 4.59 0.49 -5.27
N TYR A 236 5.31 1.28 -4.47
CA TYR A 236 6.14 2.39 -4.94
C TYR A 236 7.14 2.70 -3.83
N ASP A 237 8.01 3.67 -4.06
CA ASP A 237 9.14 3.87 -3.17
C ASP A 237 10.02 2.63 -3.06
N TYR A 238 10.06 1.82 -4.13
CA TYR A 238 10.93 0.66 -4.12
C TYR A 238 12.38 1.05 -4.23
N HIS A 239 12.65 2.16 -4.90
CA HIS A 239 13.97 2.65 -5.24
C HIS A 239 13.94 4.17 -5.17
N GLY A 240 15.10 4.74 -4.86
CA GLY A 240 15.21 6.19 -4.75
C GLY A 240 16.54 6.58 -4.15
N GLY A 241 16.64 7.86 -3.84
CA GLY A 241 17.93 8.46 -3.59
C GLY A 241 18.60 8.09 -2.29
N TRP A 242 17.90 7.32 -1.45
CA TRP A 242 18.49 6.77 -0.24
C TRP A 242 19.60 5.77 -0.49
N ASN A 243 19.73 5.22 -1.70
CA ASN A 243 20.86 4.36 -2.00
C ASN A 243 21.29 4.55 -3.45
N GLU A 244 22.28 3.77 -3.87
CA GLU A 244 22.95 4.00 -5.14
C GLU A 244 22.30 3.28 -6.33
N TYR A 245 21.29 2.45 -6.10
CA TYR A 245 20.78 1.58 -7.15
C TYR A 245 19.78 2.32 -8.04
N VAL A 246 20.21 2.68 -9.24
CA VAL A 246 19.39 3.42 -10.20
C VAL A 246 18.44 2.41 -10.83
N GLU A 247 17.21 2.40 -10.33
CA GLU A 247 16.23 1.36 -10.60
C GLU A 247 14.84 1.98 -10.47
N HIS A 248 13.81 1.23 -10.85
CA HIS A 248 12.46 1.79 -10.94
C HIS A 248 11.81 2.03 -9.58
N LEU A 249 11.11 3.16 -9.49
CA LEU A 249 10.32 3.50 -8.32
C LEU A 249 9.22 2.49 -8.06
N ALA A 250 8.60 1.94 -9.11
CA ALA A 250 7.29 1.33 -8.96
C ALA A 250 7.07 0.24 -10.02
N GLY A 251 8.08 -0.60 -10.26
CA GLY A 251 7.93 -1.67 -11.23
C GLY A 251 6.77 -2.58 -10.89
N ILE A 252 6.18 -3.16 -11.93
CA ILE A 252 5.04 -4.06 -11.76
C ILE A 252 5.49 -5.50 -11.58
N TYR A 253 6.36 -5.96 -12.47
CA TYR A 253 6.76 -7.35 -12.53
C TYR A 253 8.18 -7.55 -12.01
N PRO A 254 8.51 -8.75 -11.56
CA PRO A 254 9.85 -9.00 -11.06
C PRO A 254 10.90 -8.85 -12.15
N ASN A 255 12.02 -8.23 -11.80
CA ASN A 255 13.07 -7.91 -12.76
C ASN A 255 14.38 -8.46 -12.22
N LYS A 256 14.87 -9.54 -12.84
CA LYS A 256 16.12 -10.18 -12.43
C LYS A 256 17.34 -9.28 -12.61
N GLU A 257 17.19 -8.16 -13.31
CA GLU A 257 18.28 -7.20 -13.50
C GLU A 257 18.28 -6.07 -12.47
N ASP A 258 17.30 -6.04 -11.59
CA ASP A 258 17.30 -5.04 -10.51
C ASP A 258 18.52 -5.33 -9.64
N ARG A 259 19.51 -4.43 -9.65
CA ARG A 259 20.78 -4.76 -9.04
C ARG A 259 20.68 -4.90 -7.54
N GLU A 260 19.68 -4.28 -6.91
CA GLU A 260 19.57 -4.34 -5.47
C GLU A 260 19.19 -5.74 -4.98
N THR A 261 18.54 -6.55 -5.82
CA THR A 261 18.04 -7.85 -5.40
C THR A 261 18.61 -9.01 -6.23
N VAL A 262 19.66 -8.77 -7.02
N VAL A 262 19.69 -8.78 -6.99
CA VAL A 262 20.15 -9.78 -7.95
CA VAL A 262 20.20 -9.73 -7.96
C VAL A 262 20.45 -11.09 -7.23
C VAL A 262 20.71 -11.03 -7.32
N THR A 263 21.00 -11.01 -6.02
CA THR A 263 21.43 -12.23 -5.32
C THR A 263 20.35 -12.84 -4.45
N GLN A 264 19.19 -12.20 -4.32
CA GLN A 264 18.11 -12.68 -3.48
C GLN A 264 17.41 -13.84 -4.17
N ILE A 265 16.59 -14.54 -3.40
CA ILE A 265 15.90 -15.73 -3.87
C ILE A 265 15.02 -15.42 -5.08
N MET A 266 14.39 -14.25 -5.09
CA MET A 266 13.61 -13.76 -6.23
C MET A 266 13.57 -12.25 -6.13
N PRO A 267 13.25 -11.55 -7.23
CA PRO A 267 13.14 -10.09 -7.18
C PRO A 267 11.88 -9.67 -6.44
N THR A 268 12.05 -8.84 -5.41
CA THR A 268 10.96 -8.52 -4.51
C THR A 268 10.44 -7.09 -4.64
N LEU A 269 11.17 -6.21 -5.31
CA LEU A 269 10.84 -4.79 -5.30
C LEU A 269 9.98 -4.42 -6.51
N CYS A 270 8.79 -5.02 -6.53
CA CYS A 270 7.81 -4.88 -7.58
C CYS A 270 6.44 -5.22 -7.01
N MET A 271 5.39 -4.64 -7.63
N MET A 271 5.42 -4.66 -7.65
CA MET A 271 4.02 -4.86 -7.17
CA MET A 271 4.07 -4.84 -7.14
C MET A 271 3.75 -6.34 -7.04
C MET A 271 3.67 -6.31 -7.11
N ASP A 272 4.13 -7.10 -8.08
CA ASP A 272 3.66 -8.47 -8.14
C ASP A 272 4.18 -9.32 -6.99
N TRP A 273 5.38 -9.03 -6.46
CA TRP A 273 5.84 -9.77 -5.28
C TRP A 273 4.92 -9.51 -4.09
N ALA A 274 4.58 -8.23 -3.85
CA ALA A 274 3.70 -7.91 -2.72
C ALA A 274 2.31 -8.51 -2.92
N TYR A 275 1.81 -8.51 -4.15
CA TYR A 275 0.53 -9.17 -4.45
C TYR A 275 0.57 -10.60 -3.96
N ARG A 276 1.63 -11.32 -4.37
CA ARG A 276 1.76 -12.71 -3.94
C ARG A 276 1.85 -12.81 -2.42
N TYR A 277 2.61 -11.89 -1.78
CA TYR A 277 2.73 -11.91 -0.32
C TYR A 277 1.34 -11.85 0.33
N TYR A 278 0.52 -10.88 -0.09
CA TYR A 278 -0.76 -10.59 0.56
C TYR A 278 -1.85 -11.58 0.18
N ARG A 279 -1.66 -12.37 -0.87
CA ARG A 279 -2.63 -13.40 -1.22
C ARG A 279 -2.75 -14.48 -0.13
N GLY A 280 -1.77 -14.59 0.74
CA GLY A 280 -1.92 -15.47 1.87
C GLY A 280 -3.09 -15.16 2.78
N VAL A 281 -3.53 -13.90 2.85
CA VAL A 281 -4.62 -13.50 3.75
C VAL A 281 -5.81 -12.88 3.04
N LEU A 282 -5.69 -12.46 1.78
CA LEU A 282 -6.79 -11.81 1.09
C LEU A 282 -6.98 -12.35 -0.31
N PRO A 283 -8.22 -12.34 -0.81
CA PRO A 283 -8.46 -12.54 -2.24
C PRO A 283 -8.04 -11.30 -3.02
N ALA A 284 -7.72 -11.50 -4.30
CA ALA A 284 -7.26 -10.41 -5.14
C ALA A 284 -8.24 -9.24 -5.16
N GLU A 285 -9.56 -9.52 -5.16
CA GLU A 285 -10.52 -8.43 -5.29
C GLU A 285 -10.55 -7.50 -4.09
N LYS A 286 -9.88 -7.82 -2.98
CA LYS A 286 -9.73 -6.92 -1.85
C LYS A 286 -8.39 -6.24 -1.82
N ILE A 287 -7.56 -6.40 -2.84
CA ILE A 287 -6.21 -5.83 -2.88
C ILE A 287 -6.19 -4.75 -3.95
N LEU A 288 -5.63 -3.58 -3.62
CA LEU A 288 -5.42 -2.54 -4.62
C LEU A 288 -3.93 -2.37 -4.90
N MET A 289 -3.65 -2.03 -6.16
CA MET A 289 -2.31 -1.68 -6.60
C MET A 289 -2.01 -0.21 -6.31
N GLY A 290 -0.84 0.07 -5.74
CA GLY A 290 -0.42 1.45 -5.56
C GLY A 290 0.25 1.98 -6.83
N ILE A 291 -0.14 3.18 -7.25
CA ILE A 291 0.36 3.81 -8.46
C ILE A 291 0.90 5.18 -8.08
N PRO A 292 2.13 5.51 -8.48
CA PRO A 292 2.66 6.83 -8.21
C PRO A 292 2.40 7.82 -9.33
N TYR A 293 2.04 9.05 -8.97
CA TYR A 293 2.08 10.19 -9.88
C TYR A 293 3.20 11.16 -9.48
N TYR A 294 4.27 10.61 -8.98
CA TYR A 294 5.48 11.35 -8.63
C TYR A 294 6.65 10.50 -9.06
N THR A 295 7.84 11.08 -9.02
CA THR A 295 9.07 10.45 -9.44
C THR A 295 10.10 10.43 -8.32
N ARG A 296 11.12 9.60 -8.51
CA ARG A 296 12.39 9.73 -7.77
C ARG A 296 13.53 9.56 -8.78
N GLY A 297 14.73 10.01 -8.45
CA GLY A 297 15.76 9.94 -9.45
C GLY A 297 17.11 10.38 -8.95
N TRP A 298 18.08 10.28 -9.85
CA TRP A 298 19.49 10.45 -9.54
C TRP A 298 20.15 11.27 -10.65
N GLU A 299 21.25 11.91 -10.30
CA GLU A 299 22.09 12.61 -11.28
C GLU A 299 23.52 12.09 -11.18
N ASN A 300 24.33 12.44 -12.19
CA ASN A 300 25.70 11.91 -12.32
C ASN A 300 25.72 10.37 -12.28
N VAL A 301 24.73 9.76 -12.93
CA VAL A 301 24.64 8.30 -12.94
C VAL A 301 25.81 7.70 -13.70
N GLN A 302 26.42 6.67 -13.10
CA GLN A 302 27.52 5.93 -13.69
C GLN A 302 27.02 4.57 -14.20
N GLY A 303 27.50 4.17 -15.37
CA GLY A 303 27.10 2.87 -15.85
C GLY A 303 25.64 2.81 -16.26
N GLY A 304 25.13 1.59 -16.27
CA GLY A 304 23.78 1.34 -16.73
C GLY A 304 23.63 1.50 -18.24
N ILE A 305 22.38 1.43 -18.68
CA ILE A 305 22.00 1.65 -20.08
C ILE A 305 20.83 2.63 -20.05
N ASN A 306 21.01 3.81 -20.62
CA ASN A 306 20.09 4.92 -20.42
C ASN A 306 19.85 5.10 -18.92
N GLY A 307 20.94 4.97 -18.15
CA GLY A 307 20.93 5.15 -16.72
C GLY A 307 20.47 3.92 -15.95
N LEU A 308 19.52 3.19 -16.51
CA LEU A 308 18.89 2.10 -15.76
C LEU A 308 19.91 1.03 -15.42
N HIS A 309 19.87 0.56 -14.17
CA HIS A 309 20.81 -0.41 -13.61
C HIS A 309 22.20 0.19 -13.38
N GLY A 310 22.33 1.51 -13.45
CA GLY A 310 23.54 2.19 -13.09
C GLY A 310 23.61 2.49 -11.61
N SER A 311 24.55 3.34 -11.26
N SER A 311 24.55 3.34 -11.25
CA SER A 311 24.86 3.67 -9.88
CA SER A 311 24.81 3.67 -9.86
C SER A 311 24.98 5.18 -9.70
C SER A 311 24.96 5.18 -9.70
N SER A 312 24.52 5.69 -8.56
CA SER A 312 24.71 7.10 -8.25
C SER A 312 24.60 7.34 -6.77
N LYS A 313 25.54 8.10 -6.20
CA LYS A 313 25.46 8.56 -4.83
C LYS A 313 24.87 9.96 -4.70
N THR A 314 24.28 10.48 -5.77
N THR A 314 24.36 10.52 -5.79
CA THR A 314 23.78 11.85 -5.84
CA THR A 314 23.79 11.86 -5.80
C THR A 314 22.36 11.84 -6.37
C THR A 314 22.37 11.88 -6.35
N PRO A 315 21.35 11.95 -5.50
CA PRO A 315 19.98 12.07 -6.01
C PRO A 315 19.82 13.34 -6.82
N ALA A 316 18.87 13.33 -7.75
CA ALA A 316 18.75 14.46 -8.66
C ALA A 316 18.24 15.70 -7.93
N SER A 317 18.74 16.86 -8.35
CA SER A 317 18.56 18.11 -7.63
C SER A 317 18.03 19.19 -8.58
N GLY A 318 17.80 20.38 -8.05
CA GLY A 318 17.50 21.52 -8.92
C GLY A 318 16.15 21.36 -9.59
N LYS A 319 16.15 21.64 -10.90
CA LYS A 319 14.90 21.56 -11.65
C LYS A 319 14.38 20.14 -11.76
N TYR A 320 15.19 19.15 -11.43
CA TYR A 320 14.76 17.77 -11.40
C TYR A 320 14.26 17.34 -10.04
N ASN A 321 13.96 18.27 -9.13
CA ASN A 321 13.58 17.90 -7.78
C ASN A 321 12.63 18.92 -7.16
N ILE A 322 11.55 19.29 -7.86
CA ILE A 322 10.74 20.40 -7.35
C ILE A 322 9.97 20.03 -6.10
N LEU A 323 9.76 18.73 -5.84
CA LEU A 323 9.09 18.26 -4.63
C LEU A 323 10.05 17.84 -3.53
N GLY A 324 11.32 18.14 -3.67
CA GLY A 324 12.26 17.85 -2.61
C GLY A 324 11.82 18.44 -1.28
N ASP A 325 12.12 17.74 -0.20
CA ASP A 325 11.72 18.22 1.10
C ASP A 325 12.58 19.39 1.55
N ASP A 326 11.97 20.34 2.24
CA ASP A 326 12.65 21.49 2.82
C ASP A 326 12.64 21.30 4.33
N LEU A 327 13.63 20.57 4.83
CA LEU A 327 13.61 20.13 6.22
C LEU A 327 14.02 21.23 7.19
N ASN A 328 14.82 22.19 6.74
CA ASN A 328 15.16 23.37 7.54
C ASN A 328 14.34 24.59 7.14
N ASN A 329 13.36 24.44 6.25
CA ASN A 329 12.47 25.53 5.84
C ASN A 329 13.24 26.77 5.43
N ASP A 330 14.29 26.57 4.64
CA ASP A 330 15.15 27.65 4.17
C ASP A 330 15.12 27.84 2.66
N GLY A 331 14.36 27.02 1.93
CA GLY A 331 14.34 27.06 0.48
C GLY A 331 15.27 26.07 -0.19
N VAL A 332 16.22 25.50 0.55
CA VAL A 332 17.13 24.50 0.01
C VAL A 332 16.49 23.14 0.17
N LEU A 333 16.26 22.46 -0.95
CA LEU A 333 15.54 21.21 -0.93
C LEU A 333 16.50 20.03 -0.88
N GLU A 334 16.10 18.98 -0.19
CA GLU A 334 16.91 17.78 -0.12
C GLU A 334 16.84 17.02 -1.44
N PRO A 335 17.98 16.71 -2.07
CA PRO A 335 17.92 16.02 -3.36
C PRO A 335 17.21 14.68 -3.29
N ALA A 336 16.34 14.44 -4.27
CA ALA A 336 15.54 13.23 -4.33
C ALA A 336 15.07 12.87 -5.72
N GLY A 337 15.29 13.74 -6.69
CA GLY A 337 14.70 13.55 -8.00
C GLY A 337 13.19 13.49 -7.97
N ALA A 338 12.55 14.22 -7.06
CA ALA A 338 11.12 14.09 -6.80
C ALA A 338 10.33 15.20 -7.51
N ASN A 339 9.41 14.79 -8.38
CA ASN A 339 8.62 15.69 -9.22
C ASN A 339 7.24 15.13 -9.43
N PRO A 340 6.24 15.99 -9.66
CA PRO A 340 4.97 15.53 -10.22
C PRO A 340 5.16 15.26 -11.70
N LEU A 341 4.28 14.43 -12.26
CA LEU A 341 4.46 14.02 -13.65
C LEU A 341 4.44 15.21 -14.61
N TRP A 342 3.57 16.19 -14.35
CA TRP A 342 3.44 17.31 -15.28
C TRP A 342 4.71 18.12 -15.35
N HIS A 343 5.49 18.17 -14.26
CA HIS A 343 6.72 18.94 -14.31
C HIS A 343 7.75 18.24 -15.19
N VAL A 344 7.81 16.89 -15.12
CA VAL A 344 8.71 16.16 -16.00
C VAL A 344 8.32 16.37 -17.47
N LEU A 345 7.02 16.36 -17.77
CA LEU A 345 6.59 16.67 -19.13
C LEU A 345 7.06 18.06 -19.57
N ASN A 346 6.99 19.05 -18.66
CA ASN A 346 7.43 20.40 -19.01
C ASN A 346 8.93 20.43 -19.23
N LEU A 347 9.68 19.68 -18.42
CA LEU A 347 11.12 19.61 -18.65
C LEU A 347 11.43 19.04 -20.02
N MET A 348 10.65 18.05 -20.47
CA MET A 348 10.87 17.46 -21.78
C MET A 348 10.49 18.42 -22.89
N GLU A 349 9.50 19.28 -22.66
CA GLU A 349 9.21 20.31 -23.65
C GLU A 349 10.39 21.23 -23.85
N GLN A 350 11.17 21.46 -22.81
CA GLN A 350 12.25 22.42 -22.88
C GLN A 350 13.57 21.79 -23.30
N ASP A 351 13.70 20.47 -23.19
CA ASP A 351 14.97 19.79 -23.43
C ASP A 351 14.78 18.58 -24.33
N PRO A 352 15.18 18.65 -25.61
CA PRO A 352 15.02 17.48 -26.49
C PRO A 352 15.89 16.31 -26.10
N ASN A 353 16.88 16.52 -25.24
CA ASN A 353 17.72 15.40 -24.81
C ASN A 353 17.27 14.80 -23.47
N LEU A 354 16.11 15.16 -22.96
CA LEU A 354 15.50 14.47 -21.83
C LEU A 354 14.44 13.56 -22.46
N LYS A 355 14.74 12.26 -22.56
CA LYS A 355 13.97 11.33 -23.37
C LYS A 355 13.34 10.23 -22.54
N VAL A 356 12.16 9.77 -22.99
CA VAL A 356 11.42 8.70 -22.32
C VAL A 356 11.77 7.35 -22.94
N TYR A 357 11.95 6.36 -22.08
CA TYR A 357 12.24 4.98 -22.43
C TYR A 357 11.24 4.07 -21.73
N TRP A 358 11.18 2.82 -22.21
CA TRP A 358 10.20 1.85 -21.75
C TRP A 358 10.93 0.58 -21.32
N ASP A 359 10.61 0.05 -20.14
CA ASP A 359 11.17 -1.21 -19.69
C ASP A 359 10.11 -2.31 -19.85
N GLU A 360 10.32 -3.22 -20.80
CA GLU A 360 9.30 -4.22 -21.07
C GLU A 360 9.22 -5.34 -20.04
N ILE A 361 10.23 -5.49 -19.18
CA ILE A 361 10.15 -6.45 -18.09
CA ILE A 361 10.16 -6.45 -18.08
C ILE A 361 9.34 -5.88 -16.93
N SER A 362 9.76 -4.73 -16.42
CA SER A 362 9.09 -4.12 -15.29
C SER A 362 7.78 -3.46 -15.67
N LYS A 363 7.64 -3.09 -16.95
CA LYS A 363 6.46 -2.44 -17.52
C LYS A 363 6.21 -1.08 -16.89
N VAL A 364 7.28 -0.31 -16.76
CA VAL A 364 7.21 1.11 -16.44
C VAL A 364 8.17 1.88 -17.32
N PRO A 365 7.92 3.19 -17.51
CA PRO A 365 8.82 4.04 -18.27
C PRO A 365 9.80 4.76 -17.37
N TYR A 366 10.79 5.41 -17.96
CA TYR A 366 11.76 6.18 -17.22
C TYR A 366 12.29 7.24 -18.18
N VAL A 367 12.87 8.29 -17.60
CA VAL A 367 13.38 9.41 -18.37
C VAL A 367 14.87 9.51 -18.14
N TRP A 368 15.62 9.77 -19.21
CA TRP A 368 17.07 9.80 -19.15
C TRP A 368 17.60 11.00 -19.92
N GLN A 369 18.48 11.74 -19.27
CA GLN A 369 19.22 12.86 -19.88
C GLN A 369 20.66 12.40 -20.04
N ASN A 370 21.07 12.14 -21.28
CA ASN A 370 22.33 11.47 -21.52
C ASN A 370 23.56 12.36 -21.32
N ASP A 371 23.42 13.68 -21.37
CA ASP A 371 24.54 14.59 -21.13
C ASP A 371 24.73 14.88 -19.64
N LYS A 372 23.64 15.13 -18.92
CA LYS A 372 23.75 15.39 -17.50
C LYS A 372 23.77 14.09 -16.70
N LYS A 373 23.51 12.95 -17.34
CA LYS A 373 23.45 11.65 -16.67
C LYS A 373 22.41 11.66 -15.55
N VAL A 374 21.19 12.08 -15.90
CA VAL A 374 20.08 12.18 -14.98
C VAL A 374 19.06 11.11 -15.35
N PHE A 375 18.69 10.27 -14.38
CA PHE A 375 17.63 9.27 -14.52
C PHE A 375 16.53 9.63 -13.54
N VAL A 376 15.29 9.69 -14.03
CA VAL A 376 14.12 9.88 -13.19
C VAL A 376 13.09 8.81 -13.56
N SER A 377 12.45 8.21 -12.56
CA SER A 377 11.33 7.33 -12.84
C SER A 377 10.19 8.11 -13.50
N PHE A 378 9.26 7.39 -14.11
CA PHE A 378 8.16 8.06 -14.77
C PHE A 378 6.97 7.11 -14.81
N GLU A 379 5.82 7.69 -15.14
N GLU A 379 5.84 7.66 -15.25
CA GLU A 379 4.59 6.95 -15.41
CA GLU A 379 4.57 6.95 -15.33
C GLU A 379 3.96 7.62 -16.61
C GLU A 379 3.80 7.62 -16.47
N ASN A 380 3.26 6.83 -17.42
CA ASN A 380 2.66 7.37 -18.62
C ASN A 380 1.53 6.48 -19.10
N GLU A 381 1.00 6.78 -20.29
N GLU A 381 1.00 6.78 -20.29
CA GLU A 381 -0.15 6.02 -20.80
CA GLU A 381 -0.13 6.01 -20.80
C GLU A 381 0.20 4.54 -21.00
C GLU A 381 0.22 4.54 -20.94
N LYS A 382 1.45 4.25 -21.35
CA LYS A 382 1.85 2.87 -21.56
C LYS A 382 1.91 2.12 -20.23
N SER A 383 2.41 2.76 -19.16
CA SER A 383 2.39 2.04 -17.89
C SER A 383 0.98 1.95 -17.31
N ILE A 384 0.14 2.96 -17.52
CA ILE A 384 -1.24 2.82 -17.09
C ILE A 384 -1.87 1.62 -17.77
N ASP A 385 -1.61 1.45 -19.08
CA ASP A 385 -2.22 0.33 -19.80
C ASP A 385 -1.68 -1.00 -19.28
N ALA A 386 -0.39 -1.06 -18.92
CA ALA A 386 0.15 -2.29 -18.35
C ALA A 386 -0.46 -2.54 -16.97
N ARG A 387 -0.71 -1.49 -16.20
CA ARG A 387 -1.32 -1.69 -14.89
C ARG A 387 -2.75 -2.15 -15.03
N LEU A 388 -3.49 -1.60 -16.01
CA LEU A 388 -4.85 -2.09 -16.26
C LEU A 388 -4.83 -3.56 -16.61
N GLU A 389 -3.90 -3.97 -17.49
CA GLU A 389 -3.81 -5.38 -17.84
C GLU A 389 -3.56 -6.24 -16.61
N TYR A 390 -2.67 -5.79 -15.72
CA TYR A 390 -2.39 -6.53 -14.49
C TYR A 390 -3.64 -6.63 -13.61
N ILE A 391 -4.35 -5.51 -13.43
CA ILE A 391 -5.55 -5.49 -12.61
C ILE A 391 -6.57 -6.48 -13.15
N GLN A 392 -6.77 -6.50 -14.48
CA GLN A 392 -7.72 -7.46 -15.04
C GLN A 392 -7.23 -8.91 -14.89
N ASN A 393 -5.95 -9.15 -15.21
CA ASN A 393 -5.42 -10.51 -15.20
C ASN A 393 -5.46 -11.09 -13.79
N LYS A 394 -5.18 -10.27 -12.77
CA LYS A 394 -5.12 -10.74 -11.40
C LYS A 394 -6.44 -10.61 -10.65
N ASN A 395 -7.47 -10.02 -11.25
CA ASN A 395 -8.73 -9.79 -10.55
C ASN A 395 -8.56 -8.86 -9.36
N LEU A 396 -7.67 -7.87 -9.51
CA LEU A 396 -7.46 -6.94 -8.41
C LEU A 396 -8.67 -6.04 -8.21
N GLY A 397 -8.81 -5.56 -6.98
CA GLY A 397 -9.86 -4.64 -6.67
C GLY A 397 -9.76 -3.29 -7.35
N GLY A 398 -8.56 -2.90 -7.81
CA GLY A 398 -8.37 -1.59 -8.39
C GLY A 398 -7.03 -1.01 -7.97
N ALA A 399 -6.99 0.30 -7.79
CA ALA A 399 -5.75 1.01 -7.56
C ALA A 399 -5.93 2.16 -6.59
N LEU A 400 -4.84 2.46 -5.87
CA LEU A 400 -4.68 3.61 -4.99
C LEU A 400 -3.57 4.48 -5.56
N ILE A 401 -3.83 5.77 -5.73
CA ILE A 401 -2.90 6.69 -6.35
C ILE A 401 -2.34 7.67 -5.32
N TRP A 402 -1.01 7.73 -5.22
CA TRP A 402 -0.33 8.81 -4.51
C TRP A 402 0.36 9.61 -5.62
N VAL A 403 -0.11 10.82 -5.95
CA VAL A 403 -1.04 11.69 -5.26
C VAL A 403 -1.73 12.50 -6.40
N MET A 404 -2.95 12.99 -6.15
CA MET A 404 -3.80 13.40 -7.27
C MET A 404 -3.32 14.66 -7.98
N ASN A 405 -2.49 15.49 -7.35
CA ASN A 405 -1.96 16.67 -8.04
C ASN A 405 -0.78 16.35 -8.93
N GLY A 406 -0.39 15.09 -9.06
CA GLY A 406 0.68 14.72 -9.95
C GLY A 406 0.28 14.26 -11.33
N ASP A 407 -0.99 13.97 -11.57
CA ASP A 407 -1.51 13.72 -12.91
C ASP A 407 -1.38 15.00 -13.72
N TYR A 408 -1.60 14.91 -15.03
CA TYR A 408 -1.31 16.04 -15.89
C TYR A 408 -2.48 16.41 -16.80
N GLY A 409 -2.47 17.68 -17.21
CA GLY A 409 -3.36 18.25 -18.22
C GLY A 409 -2.79 19.56 -18.68
N LEU A 410 -3.47 20.21 -19.61
CA LEU A 410 -2.98 21.47 -20.12
C LEU A 410 -3.11 22.60 -19.10
N ASN A 411 -2.14 23.50 -19.12
CA ASN A 411 -2.05 24.56 -18.11
C ASN A 411 -2.72 25.85 -18.60
N PRO A 412 -3.72 26.37 -17.89
CA PRO A 412 -4.27 27.67 -18.29
C PRO A 412 -3.27 28.80 -18.19
N ASN A 413 -2.24 28.67 -17.36
CA ASN A 413 -1.26 29.71 -17.12
C ASN A 413 0.02 29.49 -17.90
N TYR A 414 -0.04 28.71 -18.97
CA TYR A 414 1.11 28.51 -19.84
C TYR A 414 1.63 29.84 -20.39
N VAL A 415 2.95 30.02 -20.33
CA VAL A 415 3.65 31.12 -20.97
C VAL A 415 4.77 30.52 -21.80
N GLU A 416 4.70 30.66 -23.12
CA GLU A 416 5.77 30.13 -23.97
C GLU A 416 7.11 30.65 -23.50
N GLY A 417 8.10 29.75 -23.41
CA GLY A 417 9.46 30.09 -23.05
C GLY A 417 9.75 30.26 -21.58
N SER A 418 8.74 30.14 -20.71
CA SER A 418 8.95 30.36 -19.29
C SER A 418 9.48 29.09 -18.61
N ASN A 419 10.33 29.29 -17.62
CA ASN A 419 10.84 28.20 -16.80
C ASN A 419 10.20 28.16 -15.41
N LYS A 420 9.22 29.02 -15.15
CA LYS A 420 8.56 29.00 -13.86
C LYS A 420 7.70 27.77 -13.73
N ILE A 421 7.60 27.26 -12.50
CA ILE A 421 7.04 25.93 -12.25
C ILE A 421 5.64 25.83 -12.79
N ASN A 422 4.83 26.88 -12.61
CA ASN A 422 3.41 26.88 -12.94
C ASN A 422 3.13 27.62 -14.25
N GLU A 423 4.13 27.83 -15.10
CA GLU A 423 3.94 28.46 -16.42
C GLU A 423 4.32 27.55 -17.58
N GLY A 424 4.46 26.25 -17.35
CA GLY A 424 4.75 25.32 -18.41
C GLY A 424 3.50 24.93 -19.18
N LYS A 425 3.71 24.14 -20.23
CA LYS A 425 2.61 23.67 -21.06
C LYS A 425 1.59 22.88 -20.23
N TYR A 426 2.07 22.07 -19.28
CA TYR A 426 1.25 21.19 -18.47
C TYR A 426 1.18 21.66 -17.02
N THR A 427 0.06 21.35 -16.38
CA THR A 427 -0.08 21.44 -14.93
C THR A 427 -0.76 20.14 -14.53
N PHE A 428 -1.32 20.10 -13.32
CA PHE A 428 -2.11 18.96 -12.94
C PHE A 428 -3.33 18.86 -13.86
N GLY A 429 -3.88 17.66 -13.91
CA GLY A 429 -5.08 17.39 -14.68
C GLY A 429 -5.57 15.99 -14.41
N ASP A 430 -6.24 15.36 -15.38
CA ASP A 430 -6.86 14.06 -15.17
C ASP A 430 -6.51 13.05 -16.26
N THR A 431 -5.44 13.27 -17.03
CA THR A 431 -5.21 12.42 -18.20
C THR A 431 -5.06 10.94 -17.81
N LEU A 432 -4.14 10.64 -16.89
CA LEU A 432 -3.92 9.23 -16.55
C LEU A 432 -5.06 8.68 -15.70
N THR A 433 -5.69 9.51 -14.87
CA THR A 433 -6.76 9.03 -14.01
C THR A 433 -7.99 8.68 -14.82
N LYS A 434 -8.33 9.53 -15.81
CA LYS A 434 -9.42 9.19 -16.72
C LYS A 434 -9.12 7.92 -17.48
N ARG A 435 -7.87 7.75 -17.91
CA ARG A 435 -7.49 6.54 -18.63
C ARG A 435 -7.65 5.31 -17.75
N LEU A 436 -7.24 5.41 -16.48
CA LEU A 436 -7.48 4.32 -15.54
C LEU A 436 -8.96 4.06 -15.37
N SER A 437 -9.75 5.12 -15.15
CA SER A 437 -11.18 4.94 -14.92
C SER A 437 -11.85 4.25 -16.10
N GLN A 438 -11.56 4.70 -17.32
CA GLN A 438 -12.15 4.10 -18.50
C GLN A 438 -11.79 2.63 -18.58
N GLY A 439 -10.54 2.29 -18.25
CA GLY A 439 -10.13 0.90 -18.35
C GLY A 439 -10.77 0.02 -17.30
N LEU A 440 -10.93 0.57 -16.10
CA LEU A 440 -11.61 -0.18 -15.03
C LEU A 440 -13.08 -0.40 -15.38
N LYS A 441 -13.73 0.60 -15.99
CA LYS A 441 -15.09 0.40 -16.48
C LYS A 441 -15.14 -0.71 -17.52
N LYS A 442 -14.22 -0.70 -18.48
CA LYS A 442 -14.28 -1.63 -19.59
C LYS A 442 -14.09 -3.08 -19.14
N MET A 443 -13.25 -3.32 -18.13
CA MET A 443 -13.00 -4.70 -17.76
C MET A 443 -14.12 -5.31 -16.93
N GLY A 444 -15.01 -4.49 -16.40
CA GLY A 444 -16.11 -4.97 -15.59
C GLY A 444 -15.70 -5.30 -14.16
N VAL A 445 -16.70 -5.75 -13.40
CA VAL A 445 -16.53 -6.01 -11.98
C VAL A 445 -15.59 -7.18 -11.76
N CYS A 446 -15.04 -7.25 -10.55
CA CYS A 446 -14.25 -8.40 -10.15
C CYS A 446 -15.11 -9.63 -10.01
N ASN A 447 -14.47 -10.78 -10.19
CA ASN A 447 -15.04 -12.06 -9.82
C ASN A 447 -14.87 -12.27 -8.34
N LYS A 448 -15.75 -13.07 -7.78
CA LYS A 448 -15.63 -13.49 -6.39
C LYS A 448 -14.70 -14.69 -6.35
N THR A 449 -13.57 -14.55 -5.66
CA THR A 449 -12.66 -15.67 -5.50
C THR A 449 -13.30 -16.75 -4.64
N PRO A 450 -13.26 -18.00 -5.06
CA PRO A 450 -13.87 -19.05 -4.26
C PRO A 450 -13.19 -19.24 -2.93
N ASP A 451 -13.94 -19.78 -1.98
CA ASP A 451 -13.37 -20.19 -0.71
C ASP A 451 -12.27 -21.25 -0.92
N ASP A 452 -11.37 -21.33 0.06
CA ASP A 452 -10.38 -22.39 0.12
C ASP A 452 -11.07 -23.74 -0.01
N LEU A 453 -10.45 -24.67 -0.76
CA LEU A 453 -11.08 -25.97 -0.97
C LEU A 453 -11.21 -26.80 0.31
N ASN A 454 -10.35 -26.56 1.30
CA ASN A 454 -10.37 -27.40 2.50
C ASN A 454 -11.73 -27.39 3.20
N ILE A 455 -12.45 -26.27 3.17
CA ILE A 455 -13.70 -26.21 3.91
C ILE A 455 -14.79 -27.08 3.30
N SER A 456 -14.60 -27.54 2.07
CA SER A 456 -15.54 -28.46 1.44
C SER A 456 -15.20 -29.92 1.70
N LEU A 457 -14.11 -30.20 2.41
CA LEU A 457 -13.71 -31.58 2.69
C LEU A 457 -14.42 -32.08 3.94
N GLU A 458 -14.36 -33.40 4.13
CA GLU A 458 -14.92 -33.97 5.36
C GLU A 458 -14.10 -33.51 6.56
N PRO A 459 -14.76 -33.19 7.67
CA PRO A 459 -14.03 -32.69 8.84
C PRO A 459 -13.34 -33.79 9.62
N ILE A 460 -12.21 -33.41 10.23
CA ILE A 460 -11.53 -34.25 11.19
C ILE A 460 -11.17 -33.41 12.40
N ASN A 461 -11.35 -33.95 13.60
CA ASN A 461 -11.03 -33.24 14.84
C ASN A 461 -9.53 -33.29 15.13
N VAL A 462 -8.78 -32.70 14.20
CA VAL A 462 -7.34 -32.46 14.35
C VAL A 462 -7.12 -30.96 14.24
N ASP A 463 -6.26 -30.41 15.11
CA ASP A 463 -5.91 -28.99 15.08
C ASP A 463 -4.53 -28.86 14.44
N VAL A 464 -4.42 -28.03 13.42
CA VAL A 464 -3.13 -27.76 12.78
C VAL A 464 -2.80 -26.29 13.03
N LYS A 465 -1.70 -26.03 13.73
CA LYS A 465 -1.27 -24.67 14.06
C LYS A 465 0.08 -24.40 13.44
N PHE A 466 0.15 -23.41 12.56
CA PHE A 466 1.38 -23.05 11.85
C PHE A 466 1.98 -21.82 12.51
N ASN A 467 3.23 -21.93 12.96
CA ASN A 467 3.94 -20.80 13.55
C ASN A 467 5.35 -20.78 13.00
N GLY A 468 6.14 -19.79 13.36
CA GLY A 468 7.52 -19.78 12.95
C GLY A 468 8.20 -18.48 13.32
N LYS A 469 9.44 -18.38 12.86
CA LYS A 469 10.29 -17.24 13.15
C LYS A 469 11.07 -16.89 11.89
N TYR A 470 11.19 -15.61 11.61
CA TYR A 470 11.85 -15.12 10.41
C TYR A 470 13.17 -14.48 10.78
N ASP A 471 14.26 -14.95 10.14
CA ASP A 471 15.60 -14.36 10.24
C ASP A 471 16.07 -14.20 8.80
N HIS A 472 15.88 -13.01 8.25
CA HIS A 472 15.91 -12.85 6.81
C HIS A 472 17.16 -13.51 6.26
N PRO A 473 17.05 -14.31 5.19
CA PRO A 473 15.87 -14.58 4.38
C PRO A 473 15.18 -15.88 4.72
N ASN A 474 15.39 -16.40 5.92
CA ASN A 474 14.96 -17.75 6.27
C ASN A 474 13.76 -17.69 7.21
N TYR A 475 12.67 -18.37 6.87
CA TYR A 475 11.54 -18.58 7.75
C TYR A 475 11.62 -20.01 8.27
N THR A 476 11.83 -20.17 9.57
N THR A 476 11.85 -20.18 9.57
CA THR A 476 11.84 -21.48 10.19
CA THR A 476 11.85 -21.51 10.16
C THR A 476 10.46 -21.72 10.74
C THR A 476 10.47 -21.75 10.77
N TYR A 477 9.73 -22.69 10.20
CA TYR A 477 8.37 -22.96 10.62
C TYR A 477 8.30 -24.11 11.60
N SER A 478 7.27 -24.07 12.43
N SER A 478 7.24 -24.11 12.40
CA SER A 478 6.90 -25.14 13.34
CA SER A 478 6.93 -25.15 13.36
C SER A 478 5.41 -25.35 13.15
C SER A 478 5.42 -25.39 13.32
N ILE A 479 5.01 -26.58 12.90
CA ILE A 479 3.61 -26.95 12.78
C ILE A 479 3.28 -27.87 13.95
N ASP A 480 2.33 -27.45 14.77
CA ASP A 480 1.87 -28.28 15.87
C ASP A 480 0.57 -28.94 15.45
N ILE A 481 0.52 -30.27 15.49
CA ILE A 481 -0.67 -31.03 15.11
C ILE A 481 -1.20 -31.74 16.35
N THR A 482 -2.44 -31.45 16.72
CA THR A 482 -3.05 -32.01 17.92
C THR A 482 -4.22 -32.90 17.53
N ASN A 483 -4.19 -34.11 18.04
CA ASN A 483 -5.22 -35.11 17.74
C ASN A 483 -6.32 -35.03 18.80
N TYR A 484 -7.46 -34.47 18.41
CA TYR A 484 -8.61 -34.37 19.30
C TYR A 484 -9.64 -35.46 19.03
N THR A 485 -9.29 -36.47 18.24
CA THR A 485 -10.13 -37.65 18.09
C THR A 485 -9.83 -38.63 19.21
N ASP A 486 -10.60 -39.71 19.26
CA ASP A 486 -10.46 -40.73 20.29
C ASP A 486 -9.64 -41.93 19.85
N LYS A 487 -8.97 -41.84 18.70
CA LYS A 487 -8.14 -42.92 18.20
C LYS A 487 -6.77 -42.35 17.83
N GLU A 488 -5.74 -43.16 18.05
CA GLU A 488 -4.41 -42.80 17.58
C GLU A 488 -4.43 -42.59 16.07
N ILE A 489 -3.72 -41.56 15.62
CA ILE A 489 -3.49 -41.34 14.19
C ILE A 489 -2.12 -41.93 13.88
N LYS A 490 -2.08 -42.89 12.97
CA LYS A 490 -0.85 -43.60 12.67
C LYS A 490 0.14 -42.70 11.93
N GLY A 491 1.42 -42.90 12.17
CA GLY A 491 2.46 -42.28 11.38
C GLY A 491 2.26 -42.58 9.91
N GLY A 492 2.74 -41.66 9.07
CA GLY A 492 2.47 -41.69 7.65
C GLY A 492 1.34 -40.77 7.27
N TRP A 493 0.72 -40.11 8.23
CA TRP A 493 -0.21 -39.02 7.94
C TRP A 493 0.50 -37.94 7.13
N ASN A 494 -0.30 -37.11 6.44
CA ASN A 494 0.22 -35.97 5.73
C ASN A 494 -0.58 -34.72 6.06
N VAL A 495 0.08 -33.57 6.01
N VAL A 495 0.10 -33.58 6.05
CA VAL A 495 -0.55 -32.27 6.18
CA VAL A 495 -0.53 -32.28 6.13
C VAL A 495 -0.14 -31.43 4.98
C VAL A 495 -0.17 -31.54 4.85
N SER A 496 -1.09 -30.70 4.40
CA SER A 496 -0.79 -29.83 3.29
C SER A 496 -1.22 -28.41 3.63
N PHE A 497 -0.57 -27.48 2.94
CA PHE A 497 -0.92 -26.06 3.08
C PHE A 497 -0.50 -25.35 1.81
N ASP A 498 -1.13 -24.19 1.58
CA ASP A 498 -0.80 -23.38 0.41
C ASP A 498 0.08 -22.24 0.86
N LEU A 499 1.25 -22.17 0.26
CA LEU A 499 2.28 -21.20 0.59
C LEU A 499 2.33 -20.16 -0.51
N PRO A 500 2.08 -18.88 -0.20
CA PRO A 500 2.17 -17.84 -1.23
C PRO A 500 3.49 -17.88 -1.98
N LYS A 501 3.42 -17.53 -3.26
CA LYS A 501 4.56 -17.51 -4.17
C LYS A 501 5.46 -16.29 -3.96
N SER A 502 5.26 -15.53 -2.88
CA SER A 502 6.29 -14.61 -2.38
C SER A 502 7.45 -15.36 -1.71
N ALA A 503 7.26 -16.63 -1.43
CA ALA A 503 8.23 -17.43 -0.71
C ALA A 503 8.44 -18.77 -1.41
N VAL A 504 9.53 -19.44 -1.03
CA VAL A 504 9.94 -20.71 -1.66
C VAL A 504 10.15 -21.76 -0.57
N PHE A 505 9.41 -22.86 -0.64
CA PHE A 505 9.65 -23.92 0.32
C PHE A 505 11.05 -24.52 0.11
N LYS A 506 11.82 -24.66 1.19
CA LYS A 506 13.21 -25.16 1.08
C LYS A 506 13.42 -26.56 1.63
N SER A 507 12.93 -26.88 2.83
CA SER A 507 13.20 -28.20 3.39
C SER A 507 12.20 -28.53 4.47
N SER A 508 11.89 -29.81 4.57
CA SER A 508 11.12 -30.35 5.67
C SER A 508 12.07 -31.16 6.54
N TRP A 509 12.04 -30.96 7.85
CA TRP A 509 13.04 -31.59 8.72
C TRP A 509 12.49 -32.89 9.28
N GLY A 510 12.48 -33.93 8.41
CA GLY A 510 11.87 -35.22 8.68
C GLY A 510 10.86 -35.61 7.64
N GLY A 511 10.71 -36.91 7.35
CA GLY A 511 9.70 -37.27 6.39
C GLY A 511 10.09 -36.85 4.98
N THR A 512 9.08 -36.59 4.16
CA THR A 512 9.28 -36.24 2.77
C THR A 512 8.27 -35.16 2.42
N TYR A 513 8.46 -34.51 1.28
CA TYR A 513 7.53 -33.46 0.90
C TYR A 513 7.39 -33.40 -0.62
N SER A 514 6.30 -32.76 -1.04
CA SER A 514 6.09 -32.44 -2.44
C SER A 514 5.60 -31.01 -2.52
N VAL A 515 5.80 -30.44 -3.71
CA VAL A 515 5.43 -29.07 -4.03
C VAL A 515 4.65 -29.09 -5.33
N THR A 516 3.44 -28.52 -5.31
CA THR A 516 2.53 -28.54 -6.45
C THR A 516 2.06 -27.12 -6.78
N ASP A 517 2.26 -26.69 -8.02
CA ASP A 517 1.80 -25.37 -8.42
C ASP A 517 0.30 -25.21 -8.21
N ASN A 518 -0.10 -24.12 -7.58
CA ASN A 518 -1.51 -23.89 -7.31
C ASN A 518 -1.84 -22.40 -7.40
N GLY A 519 -1.69 -21.84 -8.58
CA GLY A 519 -2.11 -20.47 -8.80
C GLY A 519 -1.12 -19.48 -8.21
N ASP A 520 -1.60 -18.67 -7.28
CA ASP A 520 -0.75 -17.72 -6.56
C ASP A 520 0.01 -18.38 -5.43
N PHE A 521 -0.13 -19.72 -5.30
CA PHE A 521 0.46 -20.49 -4.22
C PHE A 521 1.15 -21.72 -4.76
N ASN A 522 2.00 -22.29 -3.93
CA ASN A 522 2.44 -23.66 -4.10
C ASN A 522 1.83 -24.47 -2.96
N THR A 523 1.22 -25.59 -3.30
CA THR A 523 0.71 -26.51 -2.29
C THR A 523 1.86 -27.38 -1.80
N ILE A 524 2.13 -27.30 -0.50
CA ILE A 524 3.19 -28.07 0.13
C ILE A 524 2.53 -29.22 0.86
N THR A 525 2.97 -30.45 0.57
CA THR A 525 2.42 -31.63 1.23
C THR A 525 3.56 -32.28 2.01
N LEU A 526 3.40 -32.36 3.33
CA LEU A 526 4.41 -32.97 4.19
C LEU A 526 3.89 -34.35 4.61
N THR A 527 4.64 -35.39 4.26
CA THR A 527 4.29 -36.77 4.63
C THR A 527 5.24 -37.24 5.74
N SER A 528 4.64 -37.57 6.88
CA SER A 528 5.39 -38.01 8.03
C SER A 528 5.91 -39.45 7.85
N GLY A 529 6.82 -39.85 8.76
CA GLY A 529 7.27 -41.22 8.83
C GLY A 529 6.35 -42.08 9.68
N ALA A 530 6.49 -43.40 9.50
CA ALA A 530 5.60 -44.33 10.19
C ALA A 530 5.68 -44.22 11.71
N TRP A 531 6.80 -43.72 12.24
CA TRP A 531 6.99 -43.62 13.68
C TRP A 531 6.32 -42.40 14.30
N GLN A 532 5.79 -41.48 13.51
CA GLN A 532 5.25 -40.24 14.05
C GLN A 532 3.74 -40.39 14.31
N ASN A 533 3.41 -41.38 15.15
CA ASN A 533 2.03 -41.57 15.58
C ASN A 533 1.60 -40.42 16.49
N ILE A 534 0.32 -40.09 16.42
CA ILE A 534 -0.24 -39.02 17.23
C ILE A 534 -1.30 -39.62 18.15
N ALA A 535 -0.97 -39.70 19.43
CA ALA A 535 -1.89 -40.31 20.37
C ALA A 535 -3.10 -39.40 20.60
N PRO A 536 -4.21 -39.96 21.05
CA PRO A 536 -5.35 -39.10 21.38
C PRO A 536 -4.96 -38.03 22.39
N ASN A 537 -5.45 -36.82 22.17
CA ASN A 537 -5.22 -35.66 23.03
C ASN A 537 -3.75 -35.26 23.12
N SER A 538 -2.94 -35.72 22.17
CA SER A 538 -1.52 -35.43 22.11
C SER A 538 -1.23 -34.51 20.94
N THR A 539 -0.06 -33.86 21.03
CA THR A 539 0.41 -32.94 20.01
C THR A 539 1.77 -33.40 19.52
N ILE A 540 1.96 -33.32 18.21
CA ILE A 540 3.26 -33.56 17.60
C ILE A 540 3.64 -32.31 16.81
N THR A 541 4.94 -32.08 16.71
CA THR A 541 5.47 -30.89 16.04
C THR A 541 6.45 -31.27 14.95
N VAL A 542 6.31 -30.66 13.79
CA VAL A 542 7.28 -30.80 12.71
C VAL A 542 7.77 -29.41 12.31
N GLN A 543 8.99 -29.36 11.82
CA GLN A 543 9.63 -28.10 11.47
C GLN A 543 10.24 -28.18 10.07
N GLY A 544 10.63 -27.02 9.57
CA GLY A 544 11.31 -26.95 8.31
C GLY A 544 11.63 -25.51 7.98
N MET A 545 12.06 -25.28 6.74
N MET A 545 12.02 -25.28 6.73
CA MET A 545 12.51 -23.95 6.34
CA MET A 545 12.55 -24.00 6.28
C MET A 545 11.88 -23.53 5.02
C MET A 545 11.89 -23.53 4.99
N ILE A 546 11.55 -22.24 4.96
CA ILE A 546 11.00 -21.56 3.80
C ILE A 546 11.89 -20.35 3.55
N GLY A 547 12.11 -20.03 2.28
CA GLY A 547 12.87 -18.84 1.93
C GLY A 547 11.92 -17.70 1.62
N LEU A 548 12.26 -16.52 2.16
CA LEU A 548 11.47 -15.29 2.10
C LEU A 548 10.18 -15.42 2.91
N CYS A 549 9.39 -14.35 2.92
CA CYS A 549 8.25 -14.23 3.82
C CYS A 549 6.96 -14.21 3.03
N PHE A 550 5.86 -14.30 3.77
CA PHE A 550 4.52 -14.49 3.21
C PHE A 550 3.52 -14.04 4.27
N SER A 551 2.32 -13.58 3.85
CA SER A 551 1.44 -12.98 4.84
C SER A 551 0.83 -14.03 5.76
N GLY A 552 0.68 -15.25 5.27
CA GLY A 552 0.04 -16.36 5.96
C GLY A 552 -0.07 -17.52 5.00
N ILE A 553 -0.54 -18.65 5.53
CA ILE A 553 -0.79 -19.84 4.71
C ILE A 553 -2.29 -20.07 4.66
N ARG A 554 -2.73 -20.83 3.68
CA ARG A 554 -4.16 -21.07 3.51
C ARG A 554 -4.39 -22.53 3.13
N ASN A 555 -5.67 -22.90 3.10
CA ASN A 555 -6.10 -24.18 2.53
C ASN A 555 -5.41 -25.37 3.20
N VAL A 556 -5.38 -25.38 4.53
CA VAL A 556 -4.71 -26.44 5.27
C VAL A 556 -5.57 -27.69 5.27
N THR A 557 -4.97 -28.84 4.95
CA THR A 557 -5.65 -30.12 4.96
C THR A 557 -4.82 -31.11 5.76
N PHE A 558 -5.49 -32.14 6.27
CA PHE A 558 -4.83 -33.17 7.04
C PHE A 558 -5.44 -34.51 6.64
N ASN A 559 -4.61 -35.40 6.10
CA ASN A 559 -5.08 -36.70 5.61
C ASN A 559 -6.28 -36.53 4.67
N GLY A 560 -6.25 -35.49 3.84
CA GLY A 560 -7.31 -35.28 2.87
C GLY A 560 -8.61 -34.80 3.45
N MET A 561 -8.59 -34.34 4.69
CA MET A 561 -9.76 -33.85 5.41
C MET A 561 -9.50 -32.42 5.91
N ASN A 562 -10.57 -31.80 6.41
CA ASN A 562 -10.52 -30.43 6.92
C ASN A 562 -10.27 -30.46 8.42
N PRO A 563 -9.09 -30.03 8.89
CA PRO A 563 -8.77 -30.12 10.32
C PRO A 563 -9.46 -29.01 11.10
N ILE A 564 -10.55 -29.35 11.81
CA ILE A 564 -11.40 -28.37 12.47
C ILE A 564 -11.14 -28.31 13.98
N GLY A 565 -10.07 -28.95 14.45
CA GLY A 565 -9.70 -28.80 15.86
C GLY A 565 -10.63 -29.53 16.81
N ASN A 566 -10.77 -28.96 18.00
CA ASN A 566 -11.61 -29.53 19.03
C ASN A 566 -12.99 -28.89 19.02
N1 DW0 B . 3.90 9.64 2.03
C2 DW0 B . 4.26 9.43 0.71
O2 DW0 B . 5.16 10.06 0.19
N3 DW0 B . 3.55 8.45 0.03
C4 DW0 B . 2.53 7.78 0.66
C5 DW0 B . 2.21 8.01 1.95
C6 DW0 B . 2.91 8.98 2.73
O6 DW0 B . 2.76 9.19 3.94
N7 DW0 B . 1.15 7.19 2.22
C8 DW0 B . 0.89 6.51 1.09
N9 DW0 B . 1.73 6.82 0.11
N10 DW0 B . 4.26 14.40 3.60
N10 DW0 B . 4.20 14.35 3.64
CA0 DW0 B . 4.83 13.04 3.56
CA0 DW0 B . 4.84 13.03 3.50
CAA DW0 B . 0.44 7.03 3.48
CAB DW0 B . 1.31 16.21 6.66
CAB DW0 B . 4.90 18.24 1.32
CAC DW0 B . 4.00 8.07 -1.31
CAD DW0 B . 4.73 17.62 1.80
CAD DW0 B . 1.94 15.92 6.09
OAF DW0 B . 2.95 13.72 5.33
OAF DW0 B . 5.17 15.08 1.71
OAH DW0 B . 5.57 15.02 1.83
OAH DW0 B . 3.15 13.54 5.48
CAJ DW0 B . 2.21 18.02 5.19
CAJ DW0 B . 3.49 18.72 3.35
CAK DW0 B . 4.68 10.65 2.75
CAL DW0 B . 3.98 12.01 2.82
CAL DW0 B . 3.97 11.99 2.83
NAN DW0 B . 2.99 18.22 4.14
NAN DW0 B . 2.91 18.11 4.36
CAP DW0 B . 3.36 14.66 4.63
CAP DW0 B . 4.51 15.35 2.71
CAR DW0 B . 4.74 15.32 2.68
CAR DW0 B . 3.40 14.49 4.75
CAT DW0 B . 3.44 16.97 3.83
CAT DW0 B . 3.21 16.80 4.18
CAV DW0 B . 2.97 16.03 4.70
CAV DW0 B . 3.97 16.62 3.07
NAX DW0 B . 2.15 16.73 5.58
NAX DW0 B . 4.15 17.88 2.53
NAZ DW0 B . 4.30 16.63 2.81
NAZ DW0 B . 2.87 15.75 4.99
H8 DW0 B . 0.08 5.78 0.99
HA0 DW0 B . 4.99 12.70 4.58
HA0 DW0 B . 5.15 12.68 4.48
HA0A DW0 B . 5.82 13.08 3.13
HA0A DW0 B . 5.77 13.15 2.96
HAA DW0 B . -0.15 7.92 3.71
HAAA DW0 B . -0.23 6.19 3.46
HAAB DW0 B . 1.15 6.89 4.31
HAB DW0 B . 0.49 16.90 6.88
HAB DW0 B . 4.83 19.30 1.12
HABA DW0 B . 0.89 15.25 6.41
HABA DW0 B . 4.52 17.71 0.45
HABB DW0 B . 1.89 16.09 7.58
HABB DW0 B . 5.95 17.99 1.43
HAC DW0 B . 4.31 8.94 -1.88
HACA DW0 B . 4.83 7.37 -1.27
HACB DW0 B . 3.18 7.58 -1.86
HAD DW0 B . 4.65 18.62 2.20
HAD DW0 B . 1.95 16.95 6.47
HADA DW0 B . 5.77 17.44 1.52
HADA DW0 B . 2.17 15.26 6.91
HADB DW0 B . 4.12 17.55 0.91
HADB DW0 B . 0.91 15.70 5.77
HAJ DW0 B . 1.69 18.82 5.69
HAJ DW0 B . 3.44 19.80 3.20
HAK DW0 B . 4.91 10.27 3.75
HAKA DW0 B . 5.66 10.77 2.29
HAL DW0 B . 3.76 12.36 1.82
HAL DW0 B . 3.68 12.32 1.84
HALA DW0 B . 3.01 11.90 3.31
HALA DW0 B . 3.03 11.89 3.37
S DMS C . 4.48 -14.26 9.21
O DMS C . 5.73 -13.83 8.59
C1 DMS C . 3.22 -13.14 8.57
C2 DMS C . 3.97 -15.78 8.36
H11 DMS C . 2.26 -13.52 8.78
H12 DMS C . 3.33 -12.20 9.03
H13 DMS C . 3.34 -13.04 7.52
H21 DMS C . 4.47 -16.60 8.79
H22 DMS C . 2.93 -15.91 8.47
H23 DMS C . 4.22 -15.71 7.34
C1 EDO D . 5.74 4.60 1.50
O1 EDO D . 7.16 4.74 1.38
C2 EDO D . 5.00 5.91 1.78
O2 EDO D . 5.44 6.71 2.89
H11 EDO D . 5.35 4.17 0.57
H12 EDO D . 5.53 3.90 2.31
HO1 EDO D . 7.56 3.85 1.28
H21 EDO D . 5.06 6.54 0.88
H22 EDO D . 3.95 5.68 1.95
HO2 EDO D . 4.94 7.53 2.92
#